data_6QE8
#
_entry.id   6QE8
#
_cell.length_a   67.508
_cell.length_b   67.508
_cell.length_c   165.752
_cell.angle_alpha   90.00
_cell.angle_beta   90.00
_cell.angle_gamma   120.00
#
_symmetry.space_group_name_H-M   'P 65 2 2'
#
loop_
_entity.id
_entity.type
_entity.pdbx_description
1 polymer 'Endo-1,4-beta-xylanase A'
2 non-polymer '2-(N-MORPHOLINO)-ETHANESULFONIC ACID'
3 non-polymer 'SULFATE ION'
4 non-polymer (1~{R},3~{S},4~{R},5~{R})-5-[(2~{S},3~{R},4~{S},5~{R})-3,4,5-tris(oxidanyl)oxan-2-yl]oxycyclohexane-1,2,3,4-tetrol
5 water water
#
_entity_poly.entity_id   1
_entity_poly.type   'polypeptide(L)'
_entity_poly.pdbx_seq_one_letter_code
;MKVTAAFAGLLVTAFAAPVPEPVLVSRSAGINYVQNYNGNLGDFTYDESAGTFSMYWEDGVSSDFVVGLGWTTGSSNAIT
YSAEYSASGSSSYLAVYGWVNYPQAEYYIVEDYGDYNPCSSATSLGTVYSDGSTYQVCTDTRTNEPSITGTSTFTQYFSV
RESTRTSGTVTVANHFNFWAQHGFGNSDFNYQVMAVEAWSGAGSASVTISS
;
_entity_poly.pdbx_strand_id   A
#
# COMPACT_ATOMS: atom_id res chain seq x y z
N ALA A 29 2.78 17.98 5.12
CA ALA A 29 2.15 16.76 4.51
C ALA A 29 0.63 16.78 4.74
N GLY A 30 0.17 17.42 5.80
CA GLY A 30 -1.28 17.52 6.12
C GLY A 30 -1.85 16.17 6.51
N ILE A 31 -1.03 15.32 7.15
CA ILE A 31 -1.44 13.98 7.69
C ILE A 31 -2.63 14.22 8.62
N ASN A 32 -3.73 13.51 8.44
CA ASN A 32 -4.86 13.62 9.39
C ASN A 32 -5.41 12.22 9.69
N TYR A 33 -4.72 11.18 9.24
CA TYR A 33 -5.17 9.79 9.44
C TYR A 33 -3.99 8.91 9.82
N VAL A 34 -4.17 8.12 10.86
CA VAL A 34 -3.20 7.07 11.25
C VAL A 34 -3.76 5.69 10.92
N GLN A 35 -3.05 4.92 10.09
CA GLN A 35 -3.34 3.50 9.79
C GLN A 35 -2.66 2.62 10.84
N ASN A 36 -3.45 1.80 11.52
CA ASN A 36 -2.91 0.86 12.52
C ASN A 36 -3.79 -0.38 12.51
N TYR A 37 -3.51 -1.33 11.63
CA TYR A 37 -4.12 -2.66 11.63
C TYR A 37 -3.09 -3.62 12.19
N ASN A 38 -3.22 -3.97 13.46
CA ASN A 38 -2.44 -5.01 14.17
C ASN A 38 -0.99 -4.52 14.28
N GLY A 39 -0.77 -3.23 14.47
CA GLY A 39 0.56 -2.68 14.73
C GLY A 39 1.22 -3.38 15.91
N ASN A 40 0.45 -3.96 16.84
CA ASN A 40 0.99 -4.64 18.04
C ASN A 40 1.62 -5.99 17.64
N LEU A 41 1.64 -6.36 16.36
CA LEU A 41 2.37 -7.57 15.88
C LEU A 41 3.86 -7.27 15.92
N GLY A 42 4.20 -5.99 16.01
CA GLY A 42 5.59 -5.51 16.15
C GLY A 42 5.63 -4.19 16.89
N ASP A 43 6.54 -3.30 16.48
CA ASP A 43 6.86 -2.04 17.22
C ASP A 43 6.58 -0.88 16.27
N PHE A 44 5.35 -0.38 16.29
CA PHE A 44 4.85 0.70 15.41
C PHE A 44 5.01 1.99 16.20
N THR A 45 5.69 2.97 15.63
CA THR A 45 5.86 4.33 16.18
C THR A 45 5.48 5.31 15.10
N TYR A 46 4.87 6.44 15.49
CA TYR A 46 4.51 7.49 14.52
C TYR A 46 4.48 8.85 15.19
N ASP A 47 4.57 9.85 14.33
CA ASP A 47 4.35 11.26 14.69
C ASP A 47 3.63 11.90 13.49
N GLU A 48 2.32 12.17 13.62
CA GLU A 48 1.48 12.74 12.52
C GLU A 48 2.05 14.05 12.00
N SER A 49 2.34 15.04 12.85
CA SER A 49 2.72 16.40 12.37
C SER A 49 4.12 16.37 11.71
N ALA A 50 4.99 15.43 12.10
CA ALA A 50 6.28 15.19 11.40
C ALA A 50 6.05 14.39 10.10
N GLY A 51 4.99 13.60 10.04
CA GLY A 51 4.78 12.72 8.87
C GLY A 51 5.77 11.58 8.86
N THR A 52 6.07 11.02 10.03
CA THR A 52 7.08 9.96 10.15
C THR A 52 6.42 8.78 10.83
N PHE A 53 6.85 7.57 10.48
CA PHE A 53 6.54 6.39 11.29
C PHE A 53 7.64 5.37 11.10
N SER A 54 7.65 4.38 11.99
CA SER A 54 8.55 3.24 11.83
C SER A 54 7.83 1.99 12.32
N MET A 55 8.27 0.86 11.83
CA MET A 55 7.67 -0.43 12.15
C MET A 55 8.82 -1.44 12.15
N TYR A 56 9.06 -2.07 13.30
CA TYR A 56 10.08 -3.13 13.47
C TYR A 56 9.34 -4.44 13.72
N TRP A 57 9.64 -5.44 12.90
CA TRP A 57 9.13 -6.80 13.15
C TRP A 57 10.28 -7.80 12.96
N GLU A 58 11.41 -7.53 13.61
CA GLU A 58 12.66 -8.30 13.41
C GLU A 58 12.54 -9.71 14.01
N ASP A 59 11.60 -9.97 14.93
CA ASP A 59 11.37 -11.36 15.45
C ASP A 59 10.38 -12.12 14.54
N GLY A 60 9.87 -11.48 13.49
CA GLY A 60 8.91 -12.11 12.55
C GLY A 60 7.47 -11.94 13.00
N VAL A 61 6.54 -12.17 12.08
CA VAL A 61 5.07 -12.12 12.33
C VAL A 61 4.43 -13.34 11.65
N SER A 62 3.34 -13.85 12.20
CA SER A 62 2.58 -14.99 11.61
C SER A 62 1.26 -14.52 10.98
N SER A 63 0.89 -13.25 11.18
CA SER A 63 -0.36 -12.68 10.64
C SER A 63 -0.14 -11.24 10.18
N ASP A 64 -1.13 -10.70 9.46
CA ASP A 64 -0.97 -9.45 8.69
C ASP A 64 -1.00 -8.24 9.61
N PHE A 65 -0.10 -7.27 9.41
CA PHE A 65 -0.30 -5.88 9.87
C PHE A 65 -0.23 -4.92 8.69
N VAL A 66 -0.88 -3.77 8.82
CA VAL A 66 -0.77 -2.63 7.87
C VAL A 66 -0.73 -1.37 8.70
N VAL A 67 0.36 -0.62 8.62
CA VAL A 67 0.54 0.58 9.45
C VAL A 67 1.05 1.68 8.53
N GLY A 68 0.73 2.92 8.87
CA GLY A 68 1.19 4.10 8.12
C GLY A 68 0.44 5.37 8.49
N LEU A 69 0.64 6.38 7.67
CA LEU A 69 0.10 7.74 7.85
C LEU A 69 -0.43 8.23 6.52
N GLY A 70 -1.47 9.03 6.57
CA GLY A 70 -1.96 9.77 5.39
C GLY A 70 -3.24 10.54 5.66
N TRP A 71 -4.29 10.30 4.85
CA TRP A 71 -5.45 11.22 4.73
C TRP A 71 -6.75 10.43 4.90
N THR A 72 -7.67 11.03 5.64
CA THR A 72 -9.01 10.50 5.91
C THR A 72 -9.72 10.15 4.61
N THR A 73 -9.65 11.03 3.63
CA THR A 73 -10.26 10.83 2.31
C THR A 73 -9.16 10.89 1.26
N GLY A 74 -8.99 9.78 0.54
CA GLY A 74 -8.04 9.70 -0.57
C GLY A 74 -8.40 10.63 -1.70
N SER A 75 -7.42 10.87 -2.55
CA SER A 75 -7.63 11.55 -3.85
C SER A 75 -6.57 11.10 -4.85
N SER A 76 -6.58 11.66 -6.04
CA SER A 76 -5.57 11.40 -7.09
C SER A 76 -4.30 12.24 -6.89
N ASN A 77 -4.20 13.00 -5.81
CA ASN A 77 -2.98 13.80 -5.52
C ASN A 77 -1.74 12.91 -5.40
N ALA A 78 -0.61 13.41 -5.89
CA ALA A 78 0.68 12.68 -5.84
C ALA A 78 1.13 12.59 -4.39
N ILE A 79 1.84 11.53 -4.10
CA ILE A 79 2.40 11.26 -2.76
C ILE A 79 3.92 11.17 -2.87
N THR A 80 4.63 11.87 -1.99
CA THR A 80 6.12 11.92 -1.95
C THR A 80 6.61 11.36 -0.61
N TYR A 81 7.50 10.38 -0.70
CA TYR A 81 7.95 9.69 0.51
C TYR A 81 9.47 9.50 0.45
N SER A 82 10.03 9.09 1.60
CA SER A 82 11.35 8.45 1.66
C SER A 82 11.40 7.49 2.85
N ALA A 83 12.11 6.41 2.66
CA ALA A 83 12.08 5.29 3.61
C ALA A 83 13.43 4.58 3.71
N GLU A 84 13.64 3.95 4.86
CA GLU A 84 14.54 2.79 5.03
C GLU A 84 13.59 1.61 5.06
N TYR A 85 13.85 0.60 4.25
CA TYR A 85 12.94 -0.55 4.14
C TYR A 85 13.83 -1.77 3.97
N SER A 86 13.74 -2.67 4.92
CA SER A 86 14.56 -3.89 4.97
C SER A 86 13.63 -5.08 5.19
N ALA A 87 13.16 -5.68 4.11
CA ALA A 87 12.09 -6.69 4.17
C ALA A 87 12.45 -7.88 3.28
N SER A 88 13.73 -8.11 2.95
CA SER A 88 14.06 -9.10 1.91
C SER A 88 13.53 -10.48 2.32
N GLY A 89 13.54 -10.82 3.60
CA GLY A 89 13.04 -12.17 3.98
C GLY A 89 11.58 -12.17 4.39
N SER A 90 10.77 -11.18 4.00
CA SER A 90 9.41 -11.00 4.59
C SER A 90 8.36 -10.90 3.47
N SER A 91 7.19 -11.49 3.67
CA SER A 91 6.01 -11.20 2.83
C SER A 91 5.49 -9.81 3.24
N SER A 92 5.97 -8.76 2.56
CA SER A 92 5.87 -7.35 3.01
C SER A 92 5.82 -6.41 1.81
N TYR A 93 5.14 -5.28 1.98
CA TYR A 93 5.11 -4.17 1.00
C TYR A 93 5.47 -2.86 1.70
N LEU A 94 6.09 -1.99 0.92
CA LEU A 94 6.14 -0.52 1.11
C LEU A 94 5.30 0.06 -0.01
N ALA A 95 4.18 0.70 0.32
CA ALA A 95 3.12 0.96 -0.68
C ALA A 95 2.28 2.18 -0.34
N VAL A 96 1.76 2.83 -1.37
CA VAL A 96 0.53 3.64 -1.23
C VAL A 96 -0.60 2.62 -1.08
N TYR A 97 -1.49 2.84 -0.11
CA TYR A 97 -2.52 1.86 0.30
C TYR A 97 -3.79 2.63 0.63
N GLY A 98 -4.93 2.18 0.10
CA GLY A 98 -6.20 2.82 0.48
C GLY A 98 -7.39 2.03 -0.02
N TRP A 99 -8.54 2.62 0.17
CA TRP A 99 -9.82 1.99 -0.22
C TRP A 99 -10.66 2.96 -1.06
N VAL A 100 -11.54 2.36 -1.87
CA VAL A 100 -12.75 3.01 -2.44
C VAL A 100 -13.93 2.46 -1.64
N ASN A 101 -14.81 3.33 -1.15
CA ASN A 101 -15.99 2.91 -0.37
C ASN A 101 -16.81 1.92 -1.18
N TYR A 102 -17.13 2.28 -2.41
CA TYR A 102 -18.18 1.57 -3.19
C TYR A 102 -18.06 1.98 -4.65
N PRO A 103 -18.07 1.04 -5.60
CA PRO A 103 -17.90 -0.39 -5.34
C PRO A 103 -16.61 -0.63 -4.53
N GLN A 104 -16.68 -1.51 -3.55
CA GLN A 104 -15.65 -1.59 -2.50
C GLN A 104 -14.35 -2.12 -3.11
N ALA A 105 -13.22 -1.44 -2.86
CA ALA A 105 -11.91 -1.85 -3.44
C ALA A 105 -10.80 -1.48 -2.47
N GLU A 106 -9.86 -2.38 -2.33
CA GLU A 106 -8.59 -2.19 -1.60
C GLU A 106 -7.51 -2.05 -2.65
N TYR A 107 -6.63 -1.04 -2.55
CA TYR A 107 -5.63 -0.81 -3.61
C TYR A 107 -4.25 -0.55 -3.01
N TYR A 108 -3.25 -0.87 -3.83
CA TYR A 108 -1.80 -0.73 -3.51
C TYR A 108 -1.04 -0.20 -4.71
N ILE A 109 -0.15 0.74 -4.46
CA ILE A 109 0.91 1.09 -5.41
C ILE A 109 2.20 0.69 -4.71
N VAL A 110 2.71 -0.49 -5.04
CA VAL A 110 3.81 -1.13 -4.29
C VAL A 110 5.12 -0.57 -4.87
N GLU A 111 5.88 0.11 -4.02
CA GLU A 111 7.16 0.77 -4.42
C GLU A 111 8.31 -0.18 -4.20
N ASP A 112 8.26 -0.91 -3.10
CA ASP A 112 9.24 -1.98 -2.82
C ASP A 112 8.51 -3.09 -2.07
N TYR A 113 9.10 -4.27 -2.05
CA TYR A 113 8.50 -5.44 -1.37
C TYR A 113 9.59 -6.48 -1.10
N GLY A 114 9.18 -7.55 -0.39
CA GLY A 114 10.05 -8.67 0.02
C GLY A 114 9.83 -9.88 -0.87
N ASP A 115 9.34 -10.98 -0.30
CA ASP A 115 9.42 -12.30 -0.95
C ASP A 115 8.12 -12.61 -1.69
N TYR A 116 7.16 -11.69 -1.71
CA TYR A 116 5.83 -11.96 -2.31
C TYR A 116 5.45 -10.84 -3.28
N ASN A 117 5.26 -11.21 -4.53
CA ASN A 117 4.70 -10.34 -5.60
C ASN A 117 3.21 -10.70 -5.74
N PRO A 118 2.27 -9.77 -5.44
CA PRO A 118 0.85 -10.10 -5.53
C PRO A 118 0.48 -10.48 -6.96
N CYS A 119 1.21 -9.97 -7.95
CA CYS A 119 0.87 -10.24 -9.37
C CYS A 119 1.31 -11.65 -9.77
N SER A 120 1.93 -12.44 -8.87
N SER A 120 1.98 -12.38 -8.86
CA SER A 120 2.30 -13.86 -9.17
CA SER A 120 2.32 -13.83 -8.94
C SER A 120 1.04 -14.74 -9.12
C SER A 120 1.04 -14.66 -9.12
N SER A 121 0.15 -14.55 -8.15
CA SER A 121 -1.10 -15.35 -8.01
C SER A 121 -2.29 -14.67 -8.73
N ALA A 122 -2.36 -13.34 -8.74
CA ALA A 122 -3.55 -12.57 -9.17
C ALA A 122 -3.72 -12.51 -10.70
N THR A 123 -4.85 -11.97 -11.16
CA THR A 123 -5.21 -11.76 -12.58
C THR A 123 -4.43 -10.55 -13.13
N SER A 124 -3.62 -10.76 -14.17
CA SER A 124 -2.81 -9.67 -14.75
C SER A 124 -3.72 -8.73 -15.55
N LEU A 125 -3.51 -7.43 -15.40
CA LEU A 125 -4.22 -6.41 -16.22
C LEU A 125 -3.23 -5.71 -17.15
N GLY A 126 -2.00 -6.19 -17.21
CA GLY A 126 -0.93 -5.59 -18.04
C GLY A 126 -0.01 -4.73 -17.21
N THR A 127 0.47 -3.63 -17.80
CA THR A 127 1.47 -2.74 -17.16
C THR A 127 1.04 -1.32 -17.42
N VAL A 128 1.51 -0.46 -16.54
CA VAL A 128 1.42 1.01 -16.65
C VAL A 128 2.81 1.54 -16.29
N TYR A 129 3.16 2.67 -16.90
CA TYR A 129 4.45 3.39 -16.73
C TYR A 129 4.16 4.64 -15.92
N SER A 130 4.89 4.86 -14.82
CA SER A 130 4.75 6.10 -14.01
C SER A 130 6.02 6.35 -13.24
N ASP A 131 6.43 7.62 -13.12
CA ASP A 131 7.51 8.02 -12.20
C ASP A 131 8.71 7.09 -12.44
N GLY A 132 9.08 6.88 -13.69
CA GLY A 132 10.41 6.32 -14.02
C GLY A 132 10.41 4.81 -14.04
N SER A 133 9.26 4.11 -13.93
CA SER A 133 9.28 2.63 -13.95
C SER A 133 8.00 2.11 -14.58
N THR A 134 8.13 0.99 -15.24
CA THR A 134 7.00 0.09 -15.49
C THR A 134 6.45 -0.36 -14.14
N TYR A 135 5.13 -0.51 -14.04
CA TYR A 135 4.47 -1.28 -12.93
C TYR A 135 3.69 -2.42 -13.55
N GLN A 136 3.83 -3.63 -13.00
CA GLN A 136 2.91 -4.77 -13.27
C GLN A 136 1.59 -4.48 -12.55
N VAL A 137 0.47 -4.63 -13.24
CA VAL A 137 -0.88 -4.35 -12.69
C VAL A 137 -1.68 -5.65 -12.67
N CYS A 138 -2.41 -5.87 -11.58
CA CYS A 138 -3.20 -7.09 -11.39
C CYS A 138 -4.35 -6.79 -10.45
N THR A 139 -5.26 -7.72 -10.38
CA THR A 139 -6.51 -7.58 -9.62
C THR A 139 -6.89 -8.95 -9.07
N ASP A 140 -7.60 -8.94 -7.97
CA ASP A 140 -8.06 -10.18 -7.32
C ASP A 140 -9.38 -9.84 -6.64
N THR A 141 -10.24 -10.83 -6.45
CA THR A 141 -11.47 -10.72 -5.66
C THR A 141 -11.25 -11.38 -4.30
N ARG A 142 -11.66 -10.69 -3.24
CA ARG A 142 -11.57 -11.17 -1.85
C ARG A 142 -13.03 -11.36 -1.40
N THR A 143 -13.41 -12.57 -1.00
CA THR A 143 -14.83 -12.89 -0.71
C THR A 143 -14.94 -13.02 0.81
N ASN A 144 -15.76 -12.18 1.43
CA ASN A 144 -16.06 -12.25 2.88
C ASN A 144 -14.75 -12.27 3.65
N GLU A 145 -13.94 -11.23 3.44
CA GLU A 145 -12.65 -11.04 4.11
C GLU A 145 -12.69 -9.75 4.90
N PRO A 146 -11.77 -9.59 5.86
CA PRO A 146 -11.64 -8.35 6.62
C PRO A 146 -11.54 -7.14 5.69
N SER A 147 -12.28 -6.10 6.05
CA SER A 147 -12.38 -4.88 5.22
C SER A 147 -12.60 -3.69 6.15
N ILE A 148 -12.81 -2.51 5.57
CA ILE A 148 -13.21 -1.32 6.35
C ILE A 148 -14.70 -1.35 6.66
N THR A 149 -15.42 -2.42 6.31
CA THR A 149 -16.83 -2.59 6.70
C THR A 149 -17.00 -3.93 7.44
N GLY A 150 -16.06 -4.32 8.28
CA GLY A 150 -16.14 -5.61 8.98
C GLY A 150 -15.53 -6.72 8.16
N THR A 151 -16.36 -7.58 7.60
CA THR A 151 -15.97 -8.57 6.57
C THR A 151 -16.94 -8.42 5.41
N SER A 152 -16.38 -8.44 4.20
CA SER A 152 -17.14 -8.15 2.99
C SER A 152 -16.40 -8.71 1.78
N THR A 153 -17.02 -8.56 0.64
CA THR A 153 -16.47 -8.94 -0.67
C THR A 153 -16.02 -7.67 -1.37
N PHE A 154 -14.79 -7.65 -1.82
CA PHE A 154 -14.21 -6.45 -2.49
C PHE A 154 -13.20 -6.89 -3.54
N THR A 155 -12.82 -5.95 -4.36
CA THR A 155 -11.81 -6.14 -5.38
C THR A 155 -10.49 -5.52 -4.91
N GLN A 156 -9.39 -6.18 -5.19
CA GLN A 156 -8.03 -5.65 -4.92
C GLN A 156 -7.50 -5.15 -6.26
N TYR A 157 -6.85 -4.00 -6.27
CA TYR A 157 -6.03 -3.53 -7.41
C TYR A 157 -4.60 -3.31 -6.95
N PHE A 158 -3.62 -3.79 -7.72
CA PHE A 158 -2.17 -3.64 -7.38
C PHE A 158 -1.42 -3.11 -8.58
N SER A 159 -0.57 -2.10 -8.37
CA SER A 159 0.51 -1.70 -9.28
C SER A 159 1.78 -2.10 -8.56
N VAL A 160 2.65 -2.90 -9.16
CA VAL A 160 3.88 -3.36 -8.48
C VAL A 160 5.08 -2.84 -9.29
N ARG A 161 5.92 -2.01 -8.69
CA ARG A 161 7.02 -1.33 -9.41
C ARG A 161 8.03 -2.40 -9.86
N GLU A 162 8.37 -2.42 -11.14
CA GLU A 162 9.44 -3.32 -11.67
C GLU A 162 10.83 -2.91 -11.18
N SER A 163 11.14 -1.62 -11.15
N SER A 163 11.13 -1.61 -11.13
CA SER A 163 12.41 -1.12 -10.57
CA SER A 163 12.39 -1.07 -10.54
C SER A 163 12.14 -0.61 -9.15
C SER A 163 12.12 -0.59 -9.12
N THR A 164 12.28 -1.47 -8.13
CA THR A 164 11.89 -1.16 -6.75
C THR A 164 12.72 0.01 -6.21
N ARG A 165 12.09 0.81 -5.35
CA ARG A 165 12.77 1.98 -4.75
C ARG A 165 12.16 2.28 -3.39
N THR A 166 12.84 3.06 -2.56
CA THR A 166 12.40 3.41 -1.20
C THR A 166 12.27 4.92 -1.06
N SER A 167 12.26 5.65 -2.16
CA SER A 167 11.93 7.08 -2.08
C SER A 167 11.53 7.59 -3.45
N GLY A 168 10.67 8.59 -3.51
CA GLY A 168 10.21 9.15 -4.78
C GLY A 168 8.85 9.81 -4.69
N THR A 169 8.30 10.13 -5.84
CA THR A 169 6.94 10.67 -5.98
C THR A 169 6.11 9.63 -6.75
N VAL A 170 4.96 9.29 -6.20
CA VAL A 170 3.94 8.45 -6.86
C VAL A 170 2.89 9.38 -7.45
N THR A 171 2.82 9.40 -8.77
CA THR A 171 1.74 10.06 -9.52
C THR A 171 0.52 9.12 -9.47
N VAL A 172 -0.21 9.22 -8.37
CA VAL A 172 -1.35 8.32 -8.03
C VAL A 172 -2.35 8.33 -9.17
N ALA A 173 -2.55 9.50 -9.79
CA ALA A 173 -3.49 9.71 -10.90
C ALA A 173 -3.20 8.73 -12.03
N ASN A 174 -1.93 8.37 -12.28
CA ASN A 174 -1.63 7.48 -13.42
C ASN A 174 -2.13 6.07 -13.09
N HIS A 175 -2.01 5.66 -11.83
CA HIS A 175 -2.47 4.32 -11.40
C HIS A 175 -4.01 4.28 -11.40
N PHE A 176 -4.64 5.31 -10.81
CA PHE A 176 -6.11 5.37 -10.73
C PHE A 176 -6.71 5.33 -12.14
N ASN A 177 -6.17 6.10 -13.08
CA ASN A 177 -6.76 6.20 -14.43
C ASN A 177 -6.58 4.87 -15.14
N PHE A 178 -5.46 4.19 -14.91
CA PHE A 178 -5.24 2.87 -15.55
C PHE A 178 -6.24 1.88 -14.94
N TRP A 179 -6.32 1.84 -13.63
CA TRP A 179 -7.18 0.82 -12.94
C TRP A 179 -8.64 1.04 -13.34
N ALA A 180 -9.01 2.30 -13.56
CA ALA A 180 -10.38 2.69 -13.91
C ALA A 180 -10.82 2.02 -15.21
N GLN A 181 -9.89 1.78 -16.15
CA GLN A 181 -10.19 1.06 -17.42
C GLN A 181 -10.61 -0.38 -17.10
N HIS A 182 -10.33 -0.90 -15.89
CA HIS A 182 -10.57 -2.34 -15.54
C HIS A 182 -11.62 -2.48 -14.43
N GLY A 183 -12.34 -1.43 -14.09
CA GLY A 183 -13.48 -1.44 -13.15
C GLY A 183 -13.27 -0.63 -11.89
N PHE A 184 -12.08 -0.13 -11.60
CA PHE A 184 -11.82 0.64 -10.36
C PHE A 184 -12.70 1.86 -10.32
N GLY A 185 -13.48 2.06 -9.25
CA GLY A 185 -14.50 3.13 -9.26
C GLY A 185 -13.89 4.54 -9.42
N ASN A 186 -12.68 4.76 -8.92
CA ASN A 186 -11.95 6.03 -9.13
C ASN A 186 -12.79 7.21 -8.63
N SER A 187 -13.51 7.03 -7.52
CA SER A 187 -14.24 8.09 -6.80
C SER A 187 -14.77 7.49 -5.50
N ASP A 188 -15.29 8.34 -4.61
CA ASP A 188 -15.86 7.92 -3.31
C ASP A 188 -14.79 7.13 -2.57
N PHE A 189 -13.65 7.76 -2.41
CA PHE A 189 -12.50 7.22 -1.66
C PHE A 189 -12.79 7.18 -0.18
N ASN A 190 -12.22 6.16 0.49
CA ASN A 190 -12.03 6.20 1.96
C ASN A 190 -10.59 6.65 2.19
N TYR A 191 -9.93 6.13 3.21
CA TYR A 191 -8.59 6.65 3.60
C TYR A 191 -7.54 6.24 2.56
N GLN A 192 -6.40 6.94 2.63
CA GLN A 192 -5.26 6.77 1.70
C GLN A 192 -3.98 7.07 2.47
N VAL A 193 -3.08 6.12 2.54
CA VAL A 193 -1.85 6.23 3.38
C VAL A 193 -0.62 5.73 2.61
N MET A 194 0.55 6.18 3.06
CA MET A 194 1.83 5.51 2.78
C MET A 194 1.99 4.48 3.89
N ALA A 195 2.13 3.21 3.52
CA ALA A 195 2.03 2.11 4.47
C ALA A 195 3.21 1.14 4.35
N VAL A 196 3.46 0.45 5.45
CA VAL A 196 4.24 -0.80 5.48
C VAL A 196 3.28 -1.91 5.91
N GLU A 197 3.31 -3.00 5.18
CA GLU A 197 2.48 -4.18 5.47
C GLU A 197 3.41 -5.39 5.51
N ALA A 198 3.13 -6.35 6.41
CA ALA A 198 3.79 -7.66 6.37
C ALA A 198 2.91 -8.68 7.05
N TRP A 199 2.95 -9.92 6.57
CA TRP A 199 2.16 -11.02 7.19
C TRP A 199 2.98 -12.28 7.42
N SER A 200 4.27 -12.29 7.08
CA SER A 200 5.14 -13.48 7.18
C SER A 200 6.58 -12.99 7.17
N GLY A 201 7.46 -13.68 7.89
CA GLY A 201 8.89 -13.31 7.94
C GLY A 201 9.14 -12.08 8.79
N ALA A 202 10.34 -11.51 8.70
CA ALA A 202 10.88 -10.49 9.63
C ALA A 202 11.40 -9.33 8.81
N GLY A 203 11.44 -8.16 9.42
CA GLY A 203 11.98 -6.98 8.77
C GLY A 203 11.85 -5.75 9.61
N SER A 204 12.11 -4.60 9.00
CA SER A 204 12.03 -3.29 9.67
C SER A 204 11.87 -2.20 8.63
N ALA A 205 11.33 -1.05 9.01
CA ALA A 205 11.12 0.09 8.10
C ALA A 205 10.96 1.36 8.91
N SER A 206 11.29 2.47 8.28
CA SER A 206 11.21 3.83 8.83
C SER A 206 10.86 4.74 7.67
N VAL A 207 9.81 5.54 7.76
CA VAL A 207 9.20 6.23 6.58
C VAL A 207 8.95 7.68 6.93
N THR A 208 9.14 8.55 5.94
CA THR A 208 8.78 9.99 5.98
C THR A 208 7.91 10.34 4.77
N ILE A 209 6.77 11.00 5.00
CA ILE A 209 5.88 11.50 3.91
C ILE A 209 6.01 13.01 3.88
N SER A 210 6.30 13.59 2.72
CA SER A 210 6.51 15.05 2.60
C SER A 210 5.32 15.72 1.89
N SER A 211 4.48 14.96 1.20
CA SER A 211 3.45 15.54 0.29
C SER A 211 2.44 14.46 -0.17
#